data_5L77
#
_entry.id   5L77
#
_cell.length_a   150.170
_cell.length_b   45.120
_cell.length_c   82.040
_cell.angle_alpha   90.00
_cell.angle_beta   115.11
_cell.angle_gamma   90.00
#
_symmetry.space_group_name_H-M   'C 1 2 1'
#
loop_
_entity.id
_entity.type
_entity.pdbx_description
1 polymer beta-glucuronidase
2 non-polymer 'PHOSPHATE ION'
3 non-polymer '(1~{R},2~{S},3~{R},4~{S},5~{S},6~{R})-7-[8-[(azanylidene-{4}-azanylidene)amino]octyl]-3,4,5-tris(oxidanyl)-7-azabicyclo[4.1.0]heptane-2-carboxylic acid'
4 non-polymer 'CHLORIDE ION'
5 non-polymer GLYCEROL
6 water water
#
_entity_poly.entity_id   1
_entity_poly.type   'polypeptide(L)'
_entity_poly.pdbx_seq_one_letter_code
;MGSSHHHHHHSSGLVPRGSHMAFARGGLAQTASQTTSSPVRVGLSVDASALGHTIPPDYTGLSYEQAQMANPNYFSGANT
QLAGFLRTLGRQGVLRIGGNTSEYTFWNRHAKPTAADEHLAAGPDKGHHAAAREVITPEAVNNLSEFLDKTGWKLIYGLN
LGKGTPENAADEAAYVMETIGADRLLAFQLGNEPDLFYRNGIRPASYDFAAYAGDWQRFFTAIRKRVPNAPFAGPDTAYN
TKWLVPFADKFKHDVKFISSHYYAEGPPTDPSMTIERLMKPNPRLLGETAGLKQVEADTGLPFRLTQTNSCYQGGKQGVS
DTFAAALWAGDLMYQQAAAGSTGINFHGGGYGWYTPVAGTPEDGFIARPEYYGMLLFAQAGAGQLLGAKLTDNSAAPLLT
AYALRGTDGRTRIALFNKNLDADVEVAISGVASPSGTVLRLEAPRADDTTDVTFGGAPVGASGSWSPLVQEYVPGHSGQF
VLHMRKASGALLEFA
;
_entity_poly.pdbx_strand_id   A
#
loop_
_chem_comp.id
_chem_comp.type
_chem_comp.name
_chem_comp.formula
CL non-polymer 'CHLORIDE ION' 'Cl -1'
GOL non-polymer GLYCEROL 'C3 H8 O3'
GUX non-polymer '(1~{R},2~{S},3~{R},4~{S},5~{S},6~{R})-7-[8-[(azanylidene-{4}-azanylidene)amino]octyl]-3,4,5-tris(oxidanyl)-7-azabicyclo[4.1.0]heptane-2-carboxylic acid' 'C15 H26 N4 O5'
PO4 non-polymer 'PHOSPHATE ION' 'O4 P -3'
#
# COMPACT_ATOMS: atom_id res chain seq x y z
N SER A 38 7.10 -15.55 31.33
CA SER A 38 8.34 -15.90 30.57
C SER A 38 8.05 -16.08 29.08
N PRO A 39 9.09 -15.92 28.23
CA PRO A 39 8.81 -15.95 26.82
C PRO A 39 8.42 -17.33 26.28
N VAL A 40 7.66 -17.31 25.20
CA VAL A 40 7.43 -18.52 24.41
C VAL A 40 8.67 -18.79 23.59
N ARG A 41 9.23 -20.00 23.72
CA ARG A 41 10.46 -20.34 23.02
C ARG A 41 10.08 -21.02 21.71
N VAL A 42 10.35 -20.32 20.62
CA VAL A 42 10.01 -20.79 19.29
C VAL A 42 11.28 -20.99 18.50
N GLY A 43 11.20 -21.85 17.48
CA GLY A 43 12.29 -22.07 16.56
C GLY A 43 11.97 -21.39 15.20
N LEU A 44 12.99 -20.81 14.58
CA LEU A 44 12.88 -20.28 13.23
C LEU A 44 14.00 -20.86 12.42
N SER A 45 13.64 -21.61 11.38
CA SER A 45 14.61 -22.23 10.51
CA SER A 45 14.59 -22.24 10.49
C SER A 45 14.58 -21.52 9.16
N VAL A 46 15.70 -20.85 8.84
CA VAL A 46 15.83 -20.20 7.51
C VAL A 46 16.41 -21.23 6.55
N ASP A 47 15.87 -21.25 5.33
CA ASP A 47 16.33 -22.18 4.29
C ASP A 47 16.66 -21.38 3.03
N ALA A 48 17.94 -21.13 2.83
CA ALA A 48 18.45 -20.40 1.68
C ALA A 48 18.22 -21.13 0.36
N SER A 49 17.86 -22.41 0.41
CA SER A 49 17.45 -23.17 -0.80
C SER A 49 15.97 -23.17 -1.10
N ALA A 50 15.17 -22.63 -0.20
CA ALA A 50 13.71 -22.60 -0.35
C ALA A 50 13.37 -21.26 -0.98
N LEU A 51 13.50 -21.18 -2.28
CA LEU A 51 13.40 -19.88 -2.94
C LEU A 51 11.97 -19.46 -3.16
N GLY A 52 11.64 -18.25 -2.73
CA GLY A 52 10.35 -17.63 -2.93
C GLY A 52 10.42 -16.57 -4.04
N HIS A 53 9.45 -15.68 -3.99
CA HIS A 53 9.40 -14.60 -4.94
C HIS A 53 10.44 -13.51 -4.67
N THR A 54 10.80 -12.82 -5.75
CA THR A 54 11.72 -11.69 -5.74
C THR A 54 10.93 -10.42 -5.62
N ILE A 55 11.19 -9.65 -4.56
CA ILE A 55 10.51 -8.42 -4.28
C ILE A 55 11.03 -7.34 -5.24
N PRO A 56 10.14 -6.72 -6.05
CA PRO A 56 10.63 -5.69 -6.96
C PRO A 56 10.92 -4.38 -6.25
N PRO A 57 11.78 -3.54 -6.86
CA PRO A 57 12.20 -2.34 -6.15
C PRO A 57 11.08 -1.31 -5.99
N ASP A 58 10.01 -1.40 -6.80
CA ASP A 58 8.87 -0.47 -6.75
C ASP A 58 7.65 -1.13 -6.08
N TYR A 59 7.91 -2.03 -5.15
CA TYR A 59 6.82 -2.72 -4.44
C TYR A 59 6.01 -1.75 -3.61
N THR A 60 6.70 -0.89 -2.83
CA THR A 60 5.99 -0.06 -1.89
C THR A 60 5.11 0.95 -2.62
N GLY A 61 4.17 1.55 -1.91
CA GLY A 61 3.41 2.59 -2.49
C GLY A 61 2.29 3.12 -1.59
N LEU A 62 1.66 4.18 -2.02
CA LEU A 62 0.61 4.88 -1.34
C LEU A 62 -0.54 5.13 -2.29
N SER A 63 -1.72 5.26 -1.73
CA SER A 63 -2.93 5.63 -2.51
C SER A 63 -3.54 6.85 -1.92
N TYR A 64 -4.02 7.77 -2.74
CA TYR A 64 -4.63 9.01 -2.34
C TYR A 64 -5.93 9.22 -3.11
N GLU A 65 -6.81 10.02 -2.53
CA GLU A 65 -8.03 10.46 -3.20
C GLU A 65 -7.68 11.36 -4.35
N GLN A 66 -8.37 11.13 -5.47
CA GLN A 66 -8.24 12.01 -6.65
C GLN A 66 -8.60 13.45 -6.34
N ALA A 67 -9.54 13.65 -5.41
CA ALA A 67 -9.89 15.00 -5.06
C ALA A 67 -8.64 15.83 -4.69
N GLN A 68 -7.58 15.19 -4.16
CA GLN A 68 -6.41 15.94 -3.79
C GLN A 68 -5.77 16.68 -4.93
N MET A 69 -5.99 16.19 -6.16
CA MET A 69 -5.49 16.86 -7.34
C MET A 69 -6.13 18.22 -7.59
N ALA A 70 -7.19 18.55 -6.91
CA ALA A 70 -7.77 19.89 -6.98
C ALA A 70 -6.86 20.95 -6.42
N ASN A 71 -5.90 20.53 -5.56
CA ASN A 71 -4.96 21.48 -4.94
C ASN A 71 -3.62 21.29 -5.60
N PRO A 72 -3.22 22.20 -6.46
CA PRO A 72 -1.93 22.01 -7.14
C PRO A 72 -0.72 22.16 -6.21
N ASN A 73 -0.91 22.59 -4.97
CA ASN A 73 0.21 22.69 -4.04
C ASN A 73 0.52 21.39 -3.31
N TYR A 74 -0.29 20.37 -3.44
CA TYR A 74 -0.12 19.17 -2.65
C TYR A 74 0.84 18.22 -3.34
N PHE A 75 0.50 17.69 -4.49
CA PHE A 75 1.48 16.92 -5.28
C PHE A 75 2.22 17.91 -6.14
N SER A 76 3.29 18.47 -5.62
CA SER A 76 4.02 19.52 -6.21
C SER A 76 5.48 19.39 -5.91
N GLY A 77 6.33 19.87 -6.80
CA GLY A 77 7.73 19.91 -6.48
C GLY A 77 8.02 20.81 -5.31
N ALA A 78 7.17 21.79 -5.02
CA ALA A 78 7.37 22.65 -3.82
C ALA A 78 7.08 21.91 -2.53
N ASN A 79 6.38 20.77 -2.57
CA ASN A 79 6.07 19.99 -1.39
C ASN A 79 7.21 19.05 -1.03
N THR A 80 8.26 19.66 -0.48
CA THR A 80 9.47 18.95 -0.16
C THR A 80 9.29 18.05 1.07
N GLN A 81 8.37 18.42 1.95
CA GLN A 81 8.16 17.59 3.13
C GLN A 81 7.56 16.25 2.75
N LEU A 82 6.46 16.28 1.96
CA LEU A 82 5.86 15.04 1.59
C LEU A 82 6.77 14.21 0.71
N ALA A 83 7.49 14.86 -0.22
CA ALA A 83 8.43 14.13 -1.06
C ALA A 83 9.42 13.36 -0.23
N GLY A 84 9.93 13.97 0.86
CA GLY A 84 10.88 13.30 1.73
C GLY A 84 10.31 12.10 2.44
N PHE A 85 9.05 12.19 2.86
CA PHE A 85 8.40 11.06 3.47
C PHE A 85 8.31 9.89 2.48
N LEU A 86 8.02 10.20 1.21
CA LEU A 86 7.92 9.12 0.19
C LEU A 86 9.28 8.47 -0.06
N ARG A 87 10.30 9.31 -0.21
CA ARG A 87 11.64 8.79 -0.47
C ARG A 87 12.13 7.84 0.64
N THR A 88 11.75 8.16 1.89
CA THR A 88 12.11 7.28 2.99
C THR A 88 11.39 5.93 2.93
N LEU A 89 10.16 5.95 2.39
CA LEU A 89 9.45 4.71 2.17
C LEU A 89 10.02 3.84 1.03
N GLY A 90 10.70 4.47 0.09
CA GLY A 90 11.36 3.73 -0.94
C GLY A 90 11.96 4.66 -1.97
N ARG A 91 13.13 4.29 -2.45
CA ARG A 91 13.72 5.04 -3.53
C ARG A 91 12.97 4.76 -4.85
N GLN A 92 12.24 3.64 -4.91
CA GLN A 92 11.25 3.40 -6.00
C GLN A 92 9.97 3.01 -5.31
N GLY A 93 8.87 3.26 -5.95
CA GLY A 93 7.57 3.04 -5.37
C GLY A 93 6.50 3.57 -6.30
N VAL A 94 5.25 3.42 -5.92
CA VAL A 94 4.15 3.84 -6.80
C VAL A 94 3.16 4.69 -6.05
N LEU A 95 2.82 5.85 -6.60
CA LEU A 95 1.73 6.68 -6.12
C LEU A 95 0.49 6.36 -6.91
N ARG A 96 -0.57 5.91 -6.26
CA ARG A 96 -1.86 5.70 -6.92
C ARG A 96 -2.80 6.75 -6.51
N ILE A 97 -3.52 7.32 -7.48
CA ILE A 97 -4.49 8.31 -7.24
C ILE A 97 -5.85 7.78 -7.73
N GLY A 98 -6.84 7.73 -6.86
CA GLY A 98 -8.13 7.17 -7.21
C GLY A 98 -9.11 7.35 -6.09
N GLY A 99 -9.70 6.26 -5.63
CA GLY A 99 -10.65 6.31 -4.51
C GLY A 99 -12.02 6.77 -4.90
N ASN A 100 -12.95 6.88 -3.98
CA ASN A 100 -14.32 7.26 -4.30
C ASN A 100 -14.38 8.59 -4.96
N THR A 101 -13.49 9.51 -4.62
CA THR A 101 -13.53 10.84 -5.17
C THR A 101 -13.16 10.89 -6.64
N SER A 102 -12.58 9.82 -7.16
CA SER A 102 -12.29 9.76 -8.61
C SER A 102 -13.52 9.77 -9.50
N GLU A 103 -14.70 9.51 -8.94
CA GLU A 103 -15.95 9.65 -9.71
C GLU A 103 -16.53 11.03 -9.62
N TYR A 104 -15.90 11.91 -8.81
CA TYR A 104 -16.37 13.23 -8.52
C TYR A 104 -15.41 14.34 -8.95
N THR A 105 -14.37 13.98 -9.67
CA THR A 105 -13.36 14.90 -10.20
C THR A 105 -13.50 15.05 -11.69
N PHE A 106 -13.44 16.29 -12.12
CA PHE A 106 -13.73 16.64 -13.50
C PHE A 106 -12.61 17.48 -14.10
N TRP A 107 -11.77 16.79 -14.87
CA TRP A 107 -10.70 17.44 -15.60
C TRP A 107 -11.24 18.47 -16.58
N ASN A 108 -10.57 19.61 -16.70
CA ASN A 108 -10.83 20.48 -17.84
C ASN A 108 -9.60 21.31 -18.15
N ARG A 109 -9.27 21.35 -19.42
CA ARG A 109 -8.14 22.12 -19.86
C ARG A 109 -8.24 23.59 -19.60
N HIS A 110 -9.43 24.18 -19.42
CA HIS A 110 -9.58 25.60 -19.06
C HIS A 110 -9.98 25.74 -17.60
N ALA A 111 -9.81 24.71 -16.81
CA ALA A 111 -10.20 24.87 -15.38
C ALA A 111 -9.15 25.61 -14.57
N LYS A 112 -9.65 26.23 -13.48
CA LYS A 112 -8.86 26.93 -12.45
C LYS A 112 -9.29 26.36 -11.10
N PRO A 113 -8.33 26.18 -10.14
CA PRO A 113 -8.73 25.77 -8.82
C PRO A 113 -9.52 26.86 -8.12
N THR A 114 -10.51 26.48 -7.32
CA THR A 114 -11.14 27.44 -6.43
C THR A 114 -10.13 27.94 -5.39
N ALA A 115 -10.48 29.03 -4.72
CA ALA A 115 -9.63 29.51 -3.62
C ALA A 115 -9.50 28.46 -2.55
N ALA A 116 -10.63 27.82 -2.23
CA ALA A 116 -10.64 26.72 -1.28
C ALA A 116 -9.80 25.55 -1.79
N ASP A 117 -9.75 25.31 -3.11
CA ASP A 117 -8.93 24.24 -3.66
C ASP A 117 -7.43 24.43 -3.34
N GLU A 118 -6.98 25.66 -3.32
CA GLU A 118 -5.56 25.96 -3.07
C GLU A 118 -5.11 25.54 -1.67
N HIS A 119 -6.08 25.31 -0.78
CA HIS A 119 -5.84 24.84 0.57
C HIS A 119 -6.44 23.49 0.89
N LEU A 120 -6.98 22.79 -0.09
CA LEU A 120 -7.64 21.52 0.21
C LEU A 120 -6.69 20.42 0.66
N ALA A 121 -7.01 19.77 1.77
CA ALA A 121 -6.35 18.54 2.21
C ALA A 121 -7.40 17.45 2.17
N ALA A 122 -7.32 16.57 1.17
CA ALA A 122 -8.38 15.59 0.91
C ALA A 122 -8.01 14.29 1.53
N GLY A 123 -8.60 14.02 2.71
CA GLY A 123 -8.38 12.75 3.34
C GLY A 123 -9.21 11.65 2.71
N PRO A 124 -9.02 10.40 3.12
CA PRO A 124 -9.84 9.30 2.62
C PRO A 124 -11.31 9.58 2.71
N ASP A 125 -12.03 9.30 1.63
CA ASP A 125 -13.45 9.52 1.60
C ASP A 125 -14.12 8.57 2.61
N LYS A 126 -15.08 9.09 3.34
CA LYS A 126 -15.69 8.28 4.42
C LYS A 126 -16.84 7.39 3.97
N GLY A 127 -17.30 7.59 2.74
CA GLY A 127 -18.29 6.71 2.15
C GLY A 127 -19.69 6.87 2.67
N HIS A 128 -19.97 7.98 3.37
CA HIS A 128 -21.34 8.17 3.94
C HIS A 128 -22.29 8.84 2.98
N HIS A 129 -21.76 9.70 2.11
CA HIS A 129 -22.58 10.35 1.09
C HIS A 129 -21.70 10.73 -0.06
N ALA A 130 -22.33 11.26 -1.09
CA ALA A 130 -21.56 11.66 -2.25
C ALA A 130 -20.46 12.66 -1.93
N ALA A 131 -19.29 12.44 -2.50
CA ALA A 131 -18.18 13.39 -2.36
C ALA A 131 -18.49 14.72 -3.04
N ALA A 132 -17.84 15.79 -2.65
CA ALA A 132 -17.96 17.09 -3.29
C ALA A 132 -17.36 17.04 -4.71
N ARG A 133 -17.98 17.72 -5.67
CA ARG A 133 -17.40 17.85 -6.99
C ARG A 133 -16.12 18.70 -6.93
N GLU A 134 -15.10 18.29 -7.69
CA GLU A 134 -13.87 19.01 -7.80
C GLU A 134 -13.44 19.06 -9.26
N VAL A 135 -12.68 20.09 -9.60
CA VAL A 135 -12.07 20.16 -10.93
C VAL A 135 -10.57 19.87 -10.85
N ILE A 136 -10.03 19.23 -11.88
CA ILE A 136 -8.61 19.02 -12.04
C ILE A 136 -8.09 19.86 -13.19
N THR A 137 -6.93 20.50 -12.97
CA THR A 137 -6.40 21.52 -13.87
C THR A 137 -5.09 21.08 -14.48
N PRO A 138 -4.71 21.66 -15.62
CA PRO A 138 -3.37 21.45 -16.14
C PRO A 138 -2.29 21.72 -15.11
N GLU A 139 -2.44 22.81 -14.38
CA GLU A 139 -1.47 23.17 -13.34
C GLU A 139 -1.19 22.02 -12.38
N ALA A 140 -2.26 21.37 -11.96
CA ALA A 140 -2.08 20.27 -11.01
C ALA A 140 -1.33 19.10 -11.61
N VAL A 141 -1.65 18.80 -12.87
CA VAL A 141 -0.92 17.71 -13.56
C VAL A 141 0.54 18.07 -13.76
N ASN A 142 0.79 19.30 -14.14
CA ASN A 142 2.18 19.77 -14.29
C ASN A 142 2.94 19.61 -12.97
N ASN A 143 2.30 20.03 -11.89
CA ASN A 143 2.96 19.95 -10.61
C ASN A 143 3.16 18.51 -10.12
N LEU A 144 2.18 17.65 -10.44
CA LEU A 144 2.32 16.21 -10.16
C LEU A 144 3.55 15.63 -10.82
N SER A 145 3.80 16.03 -12.06
CA SER A 145 4.99 15.57 -12.76
C SER A 145 6.27 15.91 -11.96
N GLU A 146 6.31 17.14 -11.51
CA GLU A 146 7.49 17.59 -10.72
C GLU A 146 7.64 16.86 -9.38
N PHE A 147 6.52 16.58 -8.77
CA PHE A 147 6.51 15.74 -7.57
C PHE A 147 7.05 14.34 -7.83
N LEU A 148 6.63 13.70 -8.91
CA LEU A 148 7.15 12.38 -9.24
C LEU A 148 8.62 12.43 -9.56
N ASP A 149 9.06 13.50 -10.21
CA ASP A 149 10.50 13.65 -10.45
C ASP A 149 11.29 13.75 -9.12
N LYS A 150 10.76 14.48 -8.13
CA LYS A 150 11.45 14.68 -6.85
C LYS A 150 11.48 13.36 -6.05
N THR A 151 10.43 12.56 -6.13
CA THR A 151 10.34 11.32 -5.40
C THR A 151 11.00 10.13 -6.05
N GLY A 152 11.02 10.11 -7.38
CA GLY A 152 11.39 8.90 -8.12
C GLY A 152 10.29 7.83 -8.26
N TRP A 153 9.09 8.11 -7.81
CA TRP A 153 7.99 7.16 -7.84
C TRP A 153 7.27 7.20 -9.20
N LYS A 154 6.58 6.11 -9.48
CA LYS A 154 5.72 6.01 -10.67
C LYS A 154 4.28 6.28 -10.28
N LEU A 155 3.39 6.34 -11.29
CA LEU A 155 2.01 6.81 -11.10
C LEU A 155 0.98 5.82 -11.60
N ILE A 156 -0.04 5.54 -10.82
CA ILE A 156 -1.29 4.92 -11.29
C ILE A 156 -2.32 6.01 -11.13
N TYR A 157 -3.01 6.32 -12.25
CA TYR A 157 -3.87 7.50 -12.29
C TYR A 157 -5.30 7.08 -12.61
N GLY A 158 -6.27 7.40 -11.77
CA GLY A 158 -7.67 7.06 -11.99
C GLY A 158 -8.29 8.02 -12.99
N LEU A 159 -9.21 7.49 -13.78
CA LEU A 159 -10.03 8.31 -14.67
C LEU A 159 -11.49 8.11 -14.27
N ASN A 160 -12.30 9.10 -14.60
CA ASN A 160 -13.64 9.18 -14.08
C ASN A 160 -14.66 8.45 -14.95
N LEU A 161 -14.73 7.16 -14.75
CA LEU A 161 -15.70 6.30 -15.44
C LEU A 161 -17.01 6.33 -14.73
N GLY A 162 -17.04 6.62 -13.41
CA GLY A 162 -18.32 6.64 -12.70
C GLY A 162 -19.28 7.71 -13.15
N LYS A 163 -18.80 8.94 -13.31
CA LYS A 163 -19.69 10.01 -13.70
C LYS A 163 -19.26 10.79 -14.90
N GLY A 164 -18.02 10.63 -15.32
CA GLY A 164 -17.51 11.42 -16.41
C GLY A 164 -17.84 10.81 -17.78
N THR A 165 -17.31 11.43 -18.81
CA THR A 165 -17.57 10.95 -20.17
C THR A 165 -16.29 10.35 -20.76
N PRO A 166 -16.42 9.41 -21.73
CA PRO A 166 -15.25 8.88 -22.40
C PRO A 166 -14.36 9.95 -23.02
N GLU A 167 -15.00 10.93 -23.68
CA GLU A 167 -14.19 11.96 -24.30
C GLU A 167 -13.39 12.78 -23.32
N ASN A 168 -13.98 13.12 -22.18
CA ASN A 168 -13.22 13.88 -21.14
CA ASN A 168 -13.16 13.88 -21.21
C ASN A 168 -12.07 13.04 -20.59
N ALA A 169 -12.34 11.74 -20.38
CA ALA A 169 -11.29 10.80 -19.91
C ALA A 169 -10.14 10.71 -20.94
N ALA A 170 -10.49 10.69 -22.23
CA ALA A 170 -9.46 10.65 -23.25
C ALA A 170 -8.61 11.93 -23.21
N ASP A 171 -9.24 13.06 -23.00
CA ASP A 171 -8.52 14.32 -22.96
C ASP A 171 -7.58 14.44 -21.71
N GLU A 172 -8.10 13.96 -20.59
CA GLU A 172 -7.34 13.93 -19.33
C GLU A 172 -6.16 12.97 -19.49
N ALA A 173 -6.43 11.78 -19.99
CA ALA A 173 -5.37 10.79 -20.23
C ALA A 173 -4.30 11.34 -21.16
N ALA A 174 -4.74 12.02 -22.23
CA ALA A 174 -3.76 12.59 -23.18
C ALA A 174 -2.88 13.60 -22.44
N TYR A 175 -3.46 14.47 -21.61
CA TYR A 175 -2.63 15.46 -20.93
C TYR A 175 -1.68 14.80 -19.92
N VAL A 176 -2.19 13.80 -19.21
CA VAL A 176 -1.35 13.08 -18.26
C VAL A 176 -0.20 12.41 -18.99
N MET A 177 -0.50 11.73 -20.10
CA MET A 177 0.59 11.08 -20.85
C MET A 177 1.59 12.10 -21.37
N GLU A 178 1.08 13.24 -21.84
CA GLU A 178 1.93 14.30 -22.36
C GLU A 178 2.90 14.81 -21.31
N THR A 179 2.37 15.01 -20.11
CA THR A 179 3.05 15.71 -19.06
C THR A 179 3.89 14.80 -18.14
N ILE A 180 3.36 13.67 -17.81
CA ILE A 180 4.00 12.73 -16.86
C ILE A 180 4.97 11.89 -17.67
N GLY A 181 4.55 11.43 -18.84
CA GLY A 181 5.40 10.63 -19.69
C GLY A 181 5.20 9.14 -19.47
N ALA A 182 5.50 8.36 -20.47
CA ALA A 182 5.32 6.91 -20.45
C ALA A 182 6.15 6.21 -19.37
N ASP A 183 7.36 6.70 -19.10
CA ASP A 183 8.25 6.00 -18.17
C ASP A 183 7.68 6.12 -16.77
N ARG A 184 7.04 7.22 -16.44
CA ARG A 184 6.51 7.37 -15.06
C ARG A 184 5.07 6.98 -14.90
N LEU A 185 4.31 6.93 -15.99
CA LEU A 185 2.93 6.55 -15.91
C LEU A 185 2.86 5.03 -16.06
N LEU A 186 2.49 4.36 -14.97
CA LEU A 186 2.39 2.94 -14.96
C LEU A 186 1.05 2.45 -15.53
N ALA A 187 -0.05 3.07 -15.15
CA ALA A 187 -1.37 2.68 -15.65
C ALA A 187 -2.38 3.74 -15.35
N PHE A 188 -3.37 3.81 -16.24
CA PHE A 188 -4.65 4.41 -15.93
C PHE A 188 -5.60 3.35 -15.44
N GLN A 189 -6.54 3.76 -14.58
CA GLN A 189 -7.60 2.87 -14.16
C GLN A 189 -8.94 3.51 -14.42
N LEU A 190 -9.87 2.72 -14.96
CA LEU A 190 -11.17 3.21 -15.42
C LEU A 190 -12.23 2.95 -14.38
N GLY A 191 -12.33 3.89 -13.44
CA GLY A 191 -13.20 3.75 -12.29
C GLY A 191 -12.49 3.14 -11.09
N ASN A 192 -12.99 3.49 -9.93
CA ASN A 192 -12.54 2.92 -8.64
C ASN A 192 -13.68 2.07 -8.10
N GLU A 193 -13.35 0.84 -7.71
CA GLU A 193 -14.34 -0.01 -7.04
C GLU A 193 -15.70 -0.05 -7.80
N PRO A 194 -15.63 -0.41 -9.08
CA PRO A 194 -16.86 -0.49 -9.85
C PRO A 194 -17.86 -1.53 -9.39
N ASP A 195 -17.38 -2.50 -8.59
CA ASP A 195 -18.21 -3.49 -7.93
C ASP A 195 -19.09 -2.96 -6.83
N LEU A 196 -18.90 -1.69 -6.47
CA LEU A 196 -19.75 -1.01 -5.49
C LEU A 196 -20.65 0.06 -6.11
N PHE A 197 -20.52 0.31 -7.42
CA PHE A 197 -21.39 1.32 -8.02
C PHE A 197 -22.87 1.02 -7.86
N TYR A 198 -23.22 -0.27 -7.85
CA TYR A 198 -24.63 -0.66 -7.72
C TYR A 198 -25.26 -0.24 -6.41
N ARG A 199 -24.43 0.08 -5.41
CA ARG A 199 -24.95 0.45 -4.09
C ARG A 199 -24.62 1.84 -3.60
N ASN A 200 -23.77 2.60 -4.33
CA ASN A 200 -23.37 3.88 -3.81
C ASN A 200 -23.85 5.06 -4.66
N GLY A 201 -24.81 4.79 -5.53
CA GLY A 201 -25.41 5.85 -6.33
C GLY A 201 -24.75 6.13 -7.65
N ILE A 202 -23.62 5.51 -7.90
CA ILE A 202 -22.92 5.74 -9.19
C ILE A 202 -23.63 5.03 -10.34
N ARG A 203 -24.21 3.88 -10.06
CA ARG A 203 -25.00 3.17 -11.08
C ARG A 203 -26.26 2.60 -10.41
N PRO A 204 -27.24 2.15 -11.20
CA PRO A 204 -28.43 1.50 -10.64
C PRO A 204 -28.08 0.18 -9.97
N ALA A 205 -29.04 -0.30 -9.19
CA ALA A 205 -28.85 -1.50 -8.41
C ALA A 205 -28.55 -2.73 -9.26
N SER A 206 -28.95 -2.71 -10.54
CA SER A 206 -28.73 -3.83 -11.44
C SER A 206 -27.35 -3.87 -12.10
N TYR A 207 -26.52 -2.84 -11.84
CA TYR A 207 -25.21 -2.79 -12.48
C TYR A 207 -24.43 -4.01 -12.09
N ASP A 208 -23.73 -4.61 -13.04
CA ASP A 208 -23.04 -5.84 -12.83
C ASP A 208 -21.78 -5.88 -13.73
N PHE A 209 -21.02 -6.97 -13.69
CA PHE A 209 -19.81 -7.02 -14.45
C PHE A 209 -20.09 -6.76 -15.95
N ALA A 210 -21.14 -7.36 -16.49
CA ALA A 210 -21.43 -7.19 -17.92
C ALA A 210 -21.63 -5.71 -18.26
N ALA A 211 -22.32 -4.97 -17.42
CA ALA A 211 -22.51 -3.56 -17.66
C ALA A 211 -21.18 -2.82 -17.58
N TYR A 212 -20.37 -3.15 -16.55
CA TYR A 212 -19.08 -2.51 -16.40
C TYR A 212 -18.19 -2.78 -17.59
N ALA A 213 -18.22 -4.00 -18.12
CA ALA A 213 -17.38 -4.32 -19.26
C ALA A 213 -17.72 -3.45 -20.47
N GLY A 214 -19.01 -3.12 -20.61
CA GLY A 214 -19.38 -2.26 -21.75
C GLY A 214 -18.89 -0.82 -21.53
N ASP A 215 -18.98 -0.34 -20.28
CA ASP A 215 -18.44 0.98 -19.95
C ASP A 215 -16.92 1.02 -20.14
N TRP A 216 -16.26 -0.02 -19.66
CA TRP A 216 -14.82 -0.08 -19.76
C TRP A 216 -14.37 0.00 -21.22
N GLN A 217 -15.02 -0.80 -22.07
CA GLN A 217 -14.67 -0.78 -23.49
C GLN A 217 -14.88 0.59 -24.12
N ARG A 218 -15.99 1.25 -23.79
CA ARG A 218 -16.24 2.56 -24.35
C ARG A 218 -15.16 3.57 -23.97
N PHE A 219 -14.76 3.55 -22.70
CA PHE A 219 -13.70 4.44 -22.23
C PHE A 219 -12.36 4.08 -22.85
N PHE A 220 -12.02 2.80 -22.81
CA PHE A 220 -10.78 2.32 -23.41
C PHE A 220 -10.63 2.78 -24.86
N THR A 221 -11.71 2.58 -25.64
CA THR A 221 -11.64 2.92 -27.06
C THR A 221 -11.38 4.42 -27.26
N ALA A 222 -12.13 5.26 -26.55
CA ALA A 222 -11.96 6.69 -26.65
C ALA A 222 -10.54 7.13 -26.27
N ILE A 223 -10.05 6.59 -25.15
CA ILE A 223 -8.73 6.98 -24.68
C ILE A 223 -7.66 6.55 -25.70
N ARG A 224 -7.71 5.31 -26.18
CA ARG A 224 -6.70 4.83 -27.12
C ARG A 224 -6.69 5.61 -28.42
N LYS A 225 -7.81 6.20 -28.81
CA LYS A 225 -7.76 7.07 -29.97
C LYS A 225 -6.88 8.30 -29.76
N ARG A 226 -6.90 8.90 -28.57
CA ARG A 226 -6.02 10.00 -28.21
C ARG A 226 -4.63 9.60 -27.79
N VAL A 227 -4.52 8.42 -27.20
CA VAL A 227 -3.28 8.00 -26.51
C VAL A 227 -3.05 6.53 -26.89
N PRO A 228 -2.49 6.25 -28.09
CA PRO A 228 -2.49 4.84 -28.55
C PRO A 228 -1.66 3.93 -27.68
N ASN A 229 -0.72 4.49 -26.92
CA ASN A 229 0.10 3.71 -26.01
C ASN A 229 -0.35 3.79 -24.58
N ALA A 230 -1.58 4.22 -24.35
CA ALA A 230 -2.03 4.36 -22.95
C ALA A 230 -2.05 3.01 -22.28
N PRO A 231 -1.40 2.89 -21.10
CA PRO A 231 -1.45 1.66 -20.32
C PRO A 231 -2.63 1.64 -19.32
N PHE A 232 -3.16 0.45 -19.09
CA PHE A 232 -4.30 0.29 -18.21
C PHE A 232 -4.04 -0.81 -17.18
N ALA A 233 -4.77 -0.68 -16.08
CA ALA A 233 -4.91 -1.76 -15.13
C ALA A 233 -6.36 -1.79 -14.67
N GLY A 234 -6.80 -2.91 -14.16
CA GLY A 234 -8.15 -3.02 -13.59
C GLY A 234 -8.33 -4.40 -13.00
N PRO A 235 -9.49 -4.70 -12.41
CA PRO A 235 -10.67 -3.82 -12.39
C PRO A 235 -10.75 -2.86 -11.19
N ASP A 236 -9.69 -2.82 -10.36
CA ASP A 236 -9.65 -1.87 -9.22
C ASP A 236 -10.81 -2.09 -8.23
N THR A 237 -11.20 -3.34 -8.07
CA THR A 237 -12.39 -3.70 -7.35
C THR A 237 -12.14 -3.60 -5.84
N ALA A 238 -13.24 -3.33 -5.14
CA ALA A 238 -13.24 -3.32 -3.68
C ALA A 238 -13.14 -4.66 -3.11
N TYR A 239 -13.90 -5.62 -3.63
CA TYR A 239 -14.00 -6.94 -2.98
C TYR A 239 -14.45 -8.12 -3.82
N ASN A 240 -15.15 -7.87 -4.95
CA ASN A 240 -15.93 -8.94 -5.54
C ASN A 240 -15.02 -9.79 -6.43
N THR A 241 -14.57 -10.92 -5.90
CA THR A 241 -13.60 -11.73 -6.59
C THR A 241 -14.16 -12.33 -7.87
N LYS A 242 -15.48 -12.43 -7.96
CA LYS A 242 -16.10 -12.95 -9.18
C LYS A 242 -15.81 -12.09 -10.43
N TRP A 243 -15.39 -10.85 -10.25
CA TRP A 243 -15.13 -9.97 -11.38
C TRP A 243 -13.73 -10.19 -11.93
N LEU A 244 -12.83 -10.88 -11.23
CA LEU A 244 -11.41 -10.89 -11.60
C LEU A 244 -11.23 -11.67 -12.89
N VAL A 245 -11.76 -12.90 -12.91
CA VAL A 245 -11.69 -13.83 -14.03
C VAL A 245 -12.33 -13.22 -15.26
N PRO A 246 -13.61 -12.81 -15.15
CA PRO A 246 -14.26 -12.28 -16.33
C PRO A 246 -13.54 -11.02 -16.84
N PHE A 247 -13.05 -10.16 -15.96
CA PHE A 247 -12.31 -8.98 -16.41
C PHE A 247 -11.03 -9.34 -17.14
N ALA A 248 -10.22 -10.19 -16.50
CA ALA A 248 -8.93 -10.56 -17.09
C ALA A 248 -9.11 -11.31 -18.40
N ASP A 249 -10.08 -12.20 -18.47
CA ASP A 249 -10.31 -12.99 -19.70
C ASP A 249 -10.70 -12.07 -20.87
N LYS A 250 -11.57 -11.08 -20.59
CA LYS A 250 -12.05 -10.14 -21.59
C LYS A 250 -11.04 -9.11 -22.05
N PHE A 251 -10.25 -8.61 -21.10
CA PHE A 251 -9.41 -7.48 -21.32
C PHE A 251 -7.93 -7.79 -21.12
N LYS A 252 -7.60 -9.07 -21.11
CA LYS A 252 -6.20 -9.40 -20.88
C LYS A 252 -5.21 -8.78 -21.89
N HIS A 253 -5.61 -8.52 -23.15
CA HIS A 253 -4.71 -7.90 -24.11
C HIS A 253 -4.66 -6.38 -24.02
N ASP A 254 -5.51 -5.82 -23.17
CA ASP A 254 -5.69 -4.38 -23.03
C ASP A 254 -5.12 -3.82 -21.72
N VAL A 255 -4.68 -4.67 -20.78
CA VAL A 255 -4.18 -4.20 -19.49
C VAL A 255 -2.76 -4.73 -19.29
N LYS A 256 -2.03 -4.01 -18.44
CA LYS A 256 -0.69 -4.38 -18.05
C LYS A 256 -0.68 -5.27 -16.81
N PHE A 257 -1.63 -5.11 -15.92
CA PHE A 257 -1.67 -5.86 -14.67
C PHE A 257 -3.09 -5.77 -14.13
N ILE A 258 -3.39 -6.68 -13.18
CA ILE A 258 -4.66 -6.73 -12.51
C ILE A 258 -4.54 -6.02 -11.16
N SER A 259 -5.58 -5.28 -10.80
CA SER A 259 -5.62 -4.54 -9.58
C SER A 259 -6.86 -4.86 -8.76
N SER A 260 -6.69 -4.95 -7.46
CA SER A 260 -7.82 -5.06 -6.56
C SER A 260 -7.39 -4.46 -5.23
N HIS A 261 -8.39 -4.37 -4.37
CA HIS A 261 -8.26 -3.72 -3.10
C HIS A 261 -8.41 -4.67 -1.95
N TYR A 262 -7.96 -4.24 -0.74
CA TYR A 262 -8.14 -5.07 0.46
C TYR A 262 -8.24 -4.20 1.72
N TYR A 263 -9.29 -4.42 2.50
CA TYR A 263 -9.33 -3.87 3.83
C TYR A 263 -9.49 -5.03 4.80
N ALA A 264 -8.79 -4.94 5.94
CA ALA A 264 -8.85 -6.01 6.94
C ALA A 264 -10.23 -6.13 7.56
N GLU A 265 -10.87 -5.01 7.77
CA GLU A 265 -12.26 -4.98 8.21
C GLU A 265 -13.18 -5.70 7.20
N GLY A 266 -14.06 -6.54 7.71
CA GLY A 266 -15.05 -7.22 6.88
C GLY A 266 -16.31 -6.42 6.67
N PRO A 267 -17.42 -7.10 6.32
CA PRO A 267 -18.65 -6.39 5.99
C PRO A 267 -19.25 -5.65 7.18
N PRO A 268 -20.19 -4.73 6.90
CA PRO A 268 -20.70 -3.89 7.99
C PRO A 268 -21.39 -4.68 9.12
N THR A 269 -21.81 -5.89 8.83
CA THR A 269 -22.53 -6.71 9.76
C THR A 269 -21.62 -7.49 10.67
N ASP A 270 -20.32 -7.47 10.42
CA ASP A 270 -19.35 -8.03 11.34
C ASP A 270 -19.29 -7.23 12.64
N PRO A 271 -18.82 -7.88 13.70
CA PRO A 271 -18.48 -7.08 14.89
C PRO A 271 -17.42 -6.04 14.57
N SER A 272 -17.42 -4.92 15.32
CA SER A 272 -16.49 -3.83 15.02
C SER A 272 -15.07 -4.31 15.16
N MET A 273 -14.21 -3.83 14.26
CA MET A 273 -12.82 -4.29 14.25
CA MET A 273 -12.81 -4.17 14.24
C MET A 273 -12.16 -3.87 15.55
N THR A 274 -11.34 -4.79 16.00
CA THR A 274 -10.49 -4.55 17.16
C THR A 274 -9.04 -4.77 16.78
N ILE A 275 -8.14 -4.30 17.64
CA ILE A 275 -6.71 -4.63 17.46
C ILE A 275 -6.46 -6.14 17.50
N GLU A 276 -7.12 -6.84 18.44
CA GLU A 276 -6.98 -8.28 18.55
C GLU A 276 -7.31 -8.96 17.19
N ARG A 277 -8.39 -8.56 16.56
CA ARG A 277 -8.76 -9.11 15.27
C ARG A 277 -7.78 -8.74 14.18
N LEU A 278 -7.29 -7.50 14.23
CA LEU A 278 -6.36 -7.04 13.21
C LEU A 278 -5.10 -7.86 13.15
N MET A 279 -4.65 -8.34 14.34
CA MET A 279 -3.45 -9.17 14.42
C MET A 279 -3.56 -10.60 13.88
N LYS A 280 -4.79 -11.05 13.65
CA LYS A 280 -5.02 -12.44 13.34
C LYS A 280 -5.07 -12.66 11.81
N PRO A 281 -4.85 -13.90 11.38
CA PRO A 281 -5.04 -14.19 9.93
C PRO A 281 -6.44 -13.85 9.43
N ASN A 282 -6.52 -13.52 8.16
CA ASN A 282 -7.75 -13.08 7.53
C ASN A 282 -8.04 -14.02 6.37
N PRO A 283 -8.98 -14.94 6.55
CA PRO A 283 -9.19 -15.93 5.46
C PRO A 283 -9.66 -15.26 4.18
N ARG A 284 -10.37 -14.14 4.27
CA ARG A 284 -10.76 -13.44 3.05
C ARG A 284 -9.56 -12.96 2.25
N LEU A 285 -8.53 -12.46 2.93
CA LEU A 285 -7.31 -12.07 2.26
C LEU A 285 -6.71 -13.24 1.52
N LEU A 286 -6.61 -14.38 2.18
CA LEU A 286 -6.02 -15.55 1.56
C LEU A 286 -6.81 -15.94 0.31
N GLY A 287 -8.15 -15.87 0.38
CA GLY A 287 -8.97 -16.21 -0.77
C GLY A 287 -8.78 -15.21 -1.90
N GLU A 288 -8.76 -13.94 -1.59
CA GLU A 288 -8.56 -12.92 -2.60
C GLU A 288 -7.22 -13.08 -3.28
N THR A 289 -6.18 -13.35 -2.49
CA THR A 289 -4.86 -13.55 -3.03
C THR A 289 -4.81 -14.77 -3.95
N ALA A 290 -5.49 -15.84 -3.56
CA ALA A 290 -5.56 -17.04 -4.42
C ALA A 290 -6.27 -16.72 -5.74
N GLY A 291 -7.33 -15.89 -5.68
CA GLY A 291 -8.04 -15.50 -6.92
C GLY A 291 -7.11 -14.74 -7.85
N LEU A 292 -6.31 -13.85 -7.29
CA LEU A 292 -5.40 -13.07 -8.09
C LEU A 292 -4.29 -13.94 -8.67
N LYS A 293 -3.77 -14.88 -7.90
CA LYS A 293 -2.77 -15.82 -8.41
C LYS A 293 -3.35 -16.65 -9.56
N GLN A 294 -4.62 -17.04 -9.45
CA GLN A 294 -5.19 -17.85 -10.50
C GLN A 294 -5.35 -17.05 -11.83
N VAL A 295 -5.68 -15.79 -11.69
CA VAL A 295 -5.71 -14.92 -12.86
C VAL A 295 -4.36 -14.88 -13.52
N GLU A 296 -3.30 -14.79 -12.73
CA GLU A 296 -1.98 -14.77 -13.33
C GLU A 296 -1.65 -16.09 -14.01
N ALA A 297 -2.09 -17.20 -13.45
CA ALA A 297 -1.92 -18.51 -14.06
C ALA A 297 -2.70 -18.62 -15.38
N ASP A 298 -3.92 -18.07 -15.41
CA ASP A 298 -4.81 -18.17 -16.58
C ASP A 298 -4.39 -17.21 -17.70
N THR A 299 -3.81 -16.06 -17.38
CA THR A 299 -3.61 -14.97 -18.33
C THR A 299 -2.20 -14.45 -18.46
N GLY A 300 -1.34 -14.80 -17.49
CA GLY A 300 0.00 -14.23 -17.38
C GLY A 300 0.10 -12.85 -16.77
N LEU A 301 -1.03 -12.26 -16.41
CA LEU A 301 -1.06 -10.90 -15.90
C LEU A 301 -0.68 -10.92 -14.40
N PRO A 302 0.27 -10.08 -14.03
CA PRO A 302 0.60 -9.94 -12.61
C PRO A 302 -0.43 -9.06 -11.92
N PHE A 303 -0.33 -8.99 -10.58
CA PHE A 303 -1.31 -8.25 -9.82
C PHE A 303 -0.66 -7.30 -8.84
N ARG A 304 -1.38 -6.23 -8.50
CA ARG A 304 -0.95 -5.26 -7.49
C ARG A 304 -2.15 -4.91 -6.64
N LEU A 305 -1.89 -4.75 -5.33
CA LEU A 305 -2.95 -4.37 -4.38
C LEU A 305 -2.95 -2.84 -4.36
N THR A 306 -3.80 -2.23 -5.18
CA THR A 306 -3.75 -0.81 -5.44
C THR A 306 -4.46 0.10 -4.45
N GLN A 307 -5.16 -0.48 -3.47
CA GLN A 307 -5.71 0.34 -2.38
C GLN A 307 -5.94 -0.58 -1.25
N THR A 308 -5.32 -0.29 -0.09
CA THR A 308 -5.47 -1.08 1.11
C THR A 308 -5.34 -0.22 2.35
N ASN A 309 -6.14 -0.60 3.36
CA ASN A 309 -5.82 -0.17 4.70
C ASN A 309 -6.62 -1.01 5.70
N SER A 310 -6.53 -0.63 6.97
CA SER A 310 -7.00 -1.53 8.05
C SER A 310 -8.52 -1.62 8.13
N CYS A 311 -9.14 -0.46 8.18
CA CYS A 311 -10.58 -0.31 8.42
C CYS A 311 -11.12 0.71 7.47
N TYR A 312 -12.35 0.52 7.01
CA TYR A 312 -12.88 1.45 5.99
C TYR A 312 -13.60 2.62 6.66
N GLN A 313 -14.33 3.42 5.89
CA GLN A 313 -14.88 4.68 6.32
C GLN A 313 -13.82 5.62 6.85
N GLY A 314 -12.59 5.55 6.28
CA GLY A 314 -11.51 6.43 6.73
C GLY A 314 -10.75 5.91 7.94
N GLY A 315 -11.13 4.73 8.41
CA GLY A 315 -10.44 4.12 9.56
C GLY A 315 -11.23 4.21 10.82
N LYS A 316 -10.74 3.45 11.82
CA LYS A 316 -11.37 3.38 13.13
C LYS A 316 -10.41 3.94 14.16
N GLN A 317 -10.83 5.00 14.82
CA GLN A 317 -10.02 5.57 15.89
C GLN A 317 -9.81 4.52 16.99
N GLY A 318 -8.56 4.37 17.43
CA GLY A 318 -8.20 3.35 18.42
C GLY A 318 -7.76 2.03 17.83
N VAL A 319 -7.83 1.91 16.50
CA VAL A 319 -7.33 0.71 15.82
C VAL A 319 -6.42 1.18 14.69
N SER A 320 -6.97 1.90 13.71
CA SER A 320 -6.20 2.29 12.52
C SER A 320 -5.05 3.26 12.75
N ASP A 321 -5.21 4.11 13.75
CA ASP A 321 -4.27 5.15 14.05
C ASP A 321 -3.25 4.74 15.16
N THR A 322 -3.06 3.43 15.33
CA THR A 322 -2.27 2.95 16.47
C THR A 322 -1.07 2.17 16.01
N PHE A 323 -0.17 1.87 16.95
CA PHE A 323 0.98 1.05 16.68
C PHE A 323 0.63 -0.30 16.10
N ALA A 324 -0.51 -0.88 16.50
CA ALA A 324 -0.89 -2.15 15.93
C ALA A 324 -0.95 -2.07 14.41
N ALA A 325 -1.35 -0.91 13.88
CA ALA A 325 -1.38 -0.76 12.41
C ALA A 325 -0.01 -0.85 11.76
N ALA A 326 1.06 -0.43 12.46
CA ALA A 326 2.42 -0.63 11.96
C ALA A 326 2.71 -2.11 11.79
N LEU A 327 2.41 -2.89 12.82
CA LEU A 327 2.64 -4.32 12.77
C LEU A 327 1.82 -4.94 11.64
N TRP A 328 0.53 -4.60 11.61
CA TRP A 328 -0.36 -5.07 10.57
C TRP A 328 0.15 -4.77 9.13
N ALA A 329 0.55 -3.53 8.92
CA ALA A 329 0.96 -3.09 7.59
C ALA A 329 2.25 -3.72 7.15
N GLY A 330 3.26 -3.71 8.06
CA GLY A 330 4.50 -4.33 7.70
C GLY A 330 4.35 -5.80 7.36
N ASP A 331 3.58 -6.50 8.20
CA ASP A 331 3.34 -7.90 7.96
C ASP A 331 2.59 -8.14 6.64
N LEU A 332 1.59 -7.31 6.39
CA LEU A 332 0.84 -7.44 5.12
C LEU A 332 1.73 -7.26 3.92
N MET A 333 2.63 -6.28 3.95
CA MET A 333 3.52 -6.10 2.85
C MET A 333 4.28 -7.38 2.53
N TYR A 334 4.83 -8.04 3.55
CA TYR A 334 5.58 -9.26 3.35
C TYR A 334 4.68 -10.44 2.94
N GLN A 335 3.51 -10.57 3.57
CA GLN A 335 2.60 -11.67 3.21
C GLN A 335 2.27 -11.60 1.71
N GLN A 336 1.97 -10.38 1.27
CA GLN A 336 1.60 -10.25 -0.13
C GLN A 336 2.78 -10.40 -1.06
N ALA A 337 3.95 -9.96 -0.66
CA ALA A 337 5.13 -10.18 -1.46
C ALA A 337 5.44 -11.65 -1.61
N ALA A 338 5.31 -12.40 -0.51
CA ALA A 338 5.51 -13.83 -0.51
C ALA A 338 4.52 -14.58 -1.41
N ALA A 339 3.35 -14.01 -1.57
CA ALA A 339 2.31 -14.54 -2.45
C ALA A 339 2.51 -14.17 -3.92
N GLY A 340 3.48 -13.30 -4.21
CA GLY A 340 3.81 -12.94 -5.60
C GLY A 340 3.23 -11.62 -6.04
N SER A 341 2.67 -10.81 -5.17
CA SER A 341 2.22 -9.49 -5.55
C SER A 341 3.33 -8.62 -6.05
N THR A 342 3.03 -7.76 -7.02
CA THR A 342 4.01 -6.80 -7.53
C THR A 342 4.09 -5.55 -6.67
N GLY A 343 3.16 -5.36 -5.77
CA GLY A 343 3.22 -4.18 -4.94
C GLY A 343 1.95 -3.88 -4.22
N ILE A 344 1.97 -2.72 -3.52
CA ILE A 344 0.96 -2.36 -2.62
C ILE A 344 0.80 -0.84 -2.58
N ASN A 345 -0.38 -0.37 -2.21
CA ASN A 345 -0.63 1.04 -2.10
C ASN A 345 -1.56 1.30 -0.93
N PHE A 346 -0.97 1.79 0.19
CA PHE A 346 -1.78 2.06 1.39
C PHE A 346 -2.52 3.38 1.23
N HIS A 347 -3.85 3.32 1.37
CA HIS A 347 -4.66 4.52 1.20
C HIS A 347 -4.47 5.49 2.35
N GLY A 348 -4.69 6.76 2.09
CA GLY A 348 -4.41 7.77 3.11
C GLY A 348 -4.66 9.14 2.60
N GLY A 349 -4.07 10.12 3.23
CA GLY A 349 -4.27 11.51 2.97
C GLY A 349 -4.83 12.25 4.15
N GLY A 350 -4.82 13.58 4.04
CA GLY A 350 -5.33 14.45 5.07
C GLY A 350 -4.76 14.06 6.43
N TYR A 351 -5.68 13.92 7.37
CA TYR A 351 -5.40 13.42 8.71
C TYR A 351 -6.21 12.19 8.99
N GLY A 352 -6.50 11.43 7.92
CA GLY A 352 -7.33 10.25 8.10
C GLY A 352 -6.79 9.28 9.15
N TRP A 353 -7.68 8.58 9.84
CA TRP A 353 -7.20 7.69 10.91
C TRP A 353 -6.17 6.69 10.44
N TYR A 354 -6.27 6.20 9.19
CA TYR A 354 -5.32 5.19 8.75
C TYR A 354 -4.17 5.71 7.88
N THR A 355 -4.06 7.03 7.69
CA THR A 355 -3.06 7.54 6.76
C THR A 355 -1.66 7.19 7.21
N PRO A 356 -0.74 6.77 6.38
CA PRO A 356 0.66 6.64 6.77
C PRO A 356 1.28 7.99 7.02
N VAL A 357 1.06 8.96 6.16
CA VAL A 357 1.61 10.31 6.31
C VAL A 357 0.44 11.25 6.50
N ALA A 358 0.45 12.09 7.52
CA ALA A 358 -0.59 13.05 7.79
C ALA A 358 -0.04 14.45 7.59
N GLY A 359 -0.88 15.40 7.20
CA GLY A 359 -0.45 16.77 7.18
C GLY A 359 -0.91 17.55 5.97
N THR A 360 -0.41 18.77 5.84
CA THR A 360 -0.77 19.69 4.76
C THR A 360 0.47 20.53 4.41
N PRO A 361 0.50 21.10 3.22
CA PRO A 361 1.64 22.00 2.91
C PRO A 361 1.79 23.19 3.85
N GLU A 362 0.68 23.71 4.37
CA GLU A 362 0.71 24.90 5.21
C GLU A 362 1.18 24.55 6.64
N ASP A 363 0.81 23.37 7.14
CA ASP A 363 1.07 23.02 8.57
C ASP A 363 2.16 22.00 8.71
N GLY A 364 2.61 21.39 7.64
CA GLY A 364 3.58 20.33 7.67
C GLY A 364 3.04 18.94 7.78
N PHE A 365 3.96 18.00 7.63
CA PHE A 365 3.65 16.59 7.54
C PHE A 365 4.34 15.80 8.67
N ILE A 366 3.73 14.71 9.04
CA ILE A 366 4.26 13.81 10.09
C ILE A 366 4.03 12.36 9.71
N ALA A 367 4.86 11.44 10.16
CA ALA A 367 4.67 10.01 10.03
C ALA A 367 3.75 9.51 11.14
N ARG A 368 2.64 8.90 10.80
CA ARG A 368 1.73 8.23 11.69
C ARG A 368 2.26 6.83 12.00
N PRO A 369 1.64 6.13 12.99
CA PRO A 369 2.16 4.83 13.36
C PRO A 369 2.31 3.83 12.21
N GLU A 370 1.31 3.76 11.30
CA GLU A 370 1.42 2.80 10.21
C GLU A 370 2.68 2.97 9.37
N TYR A 371 3.14 4.24 9.22
CA TYR A 371 4.32 4.53 8.44
C TYR A 371 5.52 3.70 8.86
N TYR A 372 5.61 3.46 10.18
CA TYR A 372 6.79 2.78 10.76
C TYR A 372 6.87 1.30 10.35
N GLY A 373 5.73 0.66 10.07
CA GLY A 373 5.77 -0.68 9.51
C GLY A 373 6.27 -0.69 8.05
N MET A 374 5.83 0.32 7.32
CA MET A 374 6.34 0.50 5.94
C MET A 374 7.82 0.82 5.93
N LEU A 375 8.26 1.59 6.93
CA LEU A 375 9.69 1.95 7.09
C LEU A 375 10.55 0.69 7.33
N LEU A 376 10.06 -0.23 8.16
CA LEU A 376 10.79 -1.48 8.36
C LEU A 376 11.03 -2.20 7.01
N PHE A 377 9.98 -2.28 6.20
CA PHE A 377 10.08 -2.87 4.87
C PHE A 377 11.09 -2.12 4.03
N ALA A 378 11.03 -0.79 4.08
CA ALA A 378 11.95 0.02 3.29
C ALA A 378 13.39 -0.26 3.62
N GLN A 379 13.66 -0.38 4.92
CA GLN A 379 15.02 -0.59 5.42
C GLN A 379 15.53 -1.97 5.11
N ALA A 380 14.63 -2.95 5.06
CA ALA A 380 15.02 -4.28 4.68
C ALA A 380 15.48 -4.31 3.24
N GLY A 381 14.78 -3.57 2.37
CA GLY A 381 15.07 -3.51 0.96
C GLY A 381 14.59 -4.71 0.16
N ALA A 382 14.96 -4.68 -1.09
CA ALA A 382 14.53 -5.69 -2.06
C ALA A 382 15.40 -6.92 -2.01
N GLY A 383 14.97 -7.97 -2.67
CA GLY A 383 15.69 -9.22 -2.71
C GLY A 383 14.77 -10.39 -2.91
N GLN A 384 15.27 -11.60 -2.69
CA GLN A 384 14.47 -12.81 -2.89
C GLN A 384 14.09 -13.39 -1.55
N LEU A 385 12.81 -13.63 -1.38
CA LEU A 385 12.34 -14.25 -0.13
C LEU A 385 12.78 -15.70 -0.07
N LEU A 386 13.06 -16.12 1.16
CA LEU A 386 13.58 -17.46 1.47
C LEU A 386 12.65 -18.20 2.44
N GLY A 387 12.80 -19.49 2.54
CA GLY A 387 12.00 -20.22 3.51
C GLY A 387 12.35 -19.83 4.94
N ALA A 388 11.34 -19.69 5.77
CA ALA A 388 11.50 -19.26 7.14
C ALA A 388 10.38 -19.90 7.94
N LYS A 389 10.64 -21.09 8.48
CA LYS A 389 9.61 -21.92 9.08
C LYS A 389 9.65 -21.75 10.59
N LEU A 390 8.50 -21.47 11.16
CA LEU A 390 8.38 -21.38 12.61
C LEU A 390 7.93 -22.71 13.22
N THR A 391 8.55 -23.09 14.36
CA THR A 391 8.16 -24.29 15.10
C THR A 391 8.00 -23.98 16.56
N ASP A 392 7.28 -24.85 17.25
CA ASP A 392 7.06 -24.73 18.70
C ASP A 392 6.38 -23.41 19.05
N ASN A 393 5.52 -22.97 18.16
CA ASN A 393 4.95 -21.64 18.20
C ASN A 393 3.44 -21.62 18.48
N SER A 394 2.84 -22.74 18.86
CA SER A 394 1.38 -22.73 19.04
C SER A 394 0.95 -21.79 20.14
N ALA A 395 1.82 -21.51 21.13
CA ALA A 395 1.51 -20.56 22.20
C ALA A 395 1.79 -19.10 21.84
N ALA A 396 2.37 -18.87 20.67
CA ALA A 396 2.64 -17.54 20.16
C ALA A 396 2.26 -17.52 18.68
N PRO A 397 1.02 -17.85 18.36
CA PRO A 397 0.67 -18.10 16.97
C PRO A 397 0.62 -16.90 16.03
N LEU A 398 0.63 -15.67 16.55
CA LEU A 398 0.54 -14.50 15.70
C LEU A 398 1.92 -13.89 15.44
N LEU A 399 2.97 -14.60 15.79
CA LEU A 399 4.31 -14.23 15.35
C LEU A 399 4.44 -14.64 13.89
N THR A 400 4.91 -13.71 13.05
CA THR A 400 5.23 -14.01 11.66
C THR A 400 6.70 -13.64 11.44
N ALA A 401 7.29 -14.30 10.46
CA ALA A 401 8.69 -14.12 10.10
C ALA A 401 8.89 -14.32 8.63
N TYR A 402 9.76 -13.48 8.05
CA TYR A 402 10.09 -13.52 6.65
C TYR A 402 11.61 -13.33 6.51
N ALA A 403 12.23 -14.20 5.75
CA ALA A 403 13.65 -14.14 5.49
C ALA A 403 13.87 -13.73 4.04
N LEU A 404 14.93 -12.98 3.80
CA LEU A 404 15.21 -12.35 2.52
C LEU A 404 16.69 -12.37 2.21
N ARG A 405 17.07 -12.77 1.00
CA ARG A 405 18.42 -12.59 0.49
C ARG A 405 18.42 -11.26 -0.22
N GLY A 406 19.03 -10.26 0.39
CA GLY A 406 19.04 -8.91 -0.14
C GLY A 406 19.72 -8.82 -1.49
N THR A 407 19.33 -7.80 -2.28
CA THR A 407 20.02 -7.49 -3.55
CA THR A 407 20.03 -7.54 -3.55
C THR A 407 21.53 -7.34 -3.34
N ASP A 408 21.92 -6.88 -2.13
CA ASP A 408 23.33 -6.74 -1.75
C ASP A 408 24.02 -8.04 -1.24
N GLY A 409 23.27 -9.14 -1.24
CA GLY A 409 23.72 -10.46 -0.89
C GLY A 409 23.60 -10.78 0.60
N ARG A 410 23.17 -9.83 1.43
CA ARG A 410 23.10 -10.08 2.89
C ARG A 410 21.72 -10.59 3.26
N THR A 411 21.67 -11.51 4.22
CA THR A 411 20.44 -12.06 4.70
C THR A 411 19.77 -11.10 5.70
N ARG A 412 18.47 -10.90 5.55
CA ARG A 412 17.68 -10.13 6.48
C ARG A 412 16.50 -10.99 6.92
N ILE A 413 16.00 -10.71 8.13
CA ILE A 413 14.80 -11.33 8.65
C ILE A 413 13.91 -10.26 9.23
N ALA A 414 12.66 -10.22 8.77
CA ALA A 414 11.63 -9.33 9.31
C ALA A 414 10.70 -10.15 10.19
N LEU A 415 10.55 -9.77 11.46
CA LEU A 415 9.66 -10.49 12.37
C LEU A 415 8.63 -9.53 12.95
N PHE A 416 7.42 -10.05 13.05
CA PHE A 416 6.33 -9.29 13.62
C PHE A 416 5.70 -10.12 14.74
N ASN A 417 6.03 -9.74 15.98
CA ASN A 417 5.41 -10.42 17.11
C ASN A 417 4.09 -9.75 17.38
N LYS A 418 3.06 -10.20 16.63
CA LYS A 418 1.74 -9.65 16.74
C LYS A 418 0.93 -10.24 17.90
N ASN A 419 1.51 -11.18 18.66
CA ASN A 419 0.85 -11.62 19.90
C ASN A 419 0.80 -10.46 20.88
N LEU A 420 -0.39 -10.15 21.35
CA LEU A 420 -0.58 -8.99 22.20
C LEU A 420 -0.21 -9.26 23.65
N ASP A 421 -0.12 -10.53 24.02
CA ASP A 421 0.20 -10.86 25.42
C ASP A 421 1.40 -11.74 25.62
N ALA A 422 2.07 -12.21 24.58
CA ALA A 422 3.18 -13.14 24.70
C ALA A 422 4.44 -12.57 24.12
N ASP A 423 5.47 -12.53 24.94
CA ASP A 423 6.86 -12.29 24.54
C ASP A 423 7.38 -13.60 23.92
N VAL A 424 8.36 -13.47 23.01
CA VAL A 424 8.93 -14.66 22.38
C VAL A 424 10.46 -14.64 22.49
N GLU A 425 11.03 -15.83 22.46
CA GLU A 425 12.44 -16.04 22.29
C GLU A 425 12.61 -16.92 21.06
N VAL A 426 13.28 -16.39 20.04
CA VAL A 426 13.27 -17.03 18.73
C VAL A 426 14.67 -17.61 18.53
N ALA A 427 14.75 -18.94 18.45
CA ALA A 427 16.02 -19.62 18.15
C ALA A 427 16.16 -19.75 16.64
N ILE A 428 17.13 -19.05 16.07
CA ILE A 428 17.26 -18.92 14.61
C ILE A 428 18.37 -19.83 14.09
N SER A 429 17.99 -20.78 13.24
CA SER A 429 18.90 -21.68 12.56
C SER A 429 18.88 -21.37 11.07
N GLY A 430 19.88 -21.89 10.38
CA GLY A 430 19.96 -21.78 8.94
C GLY A 430 20.61 -20.54 8.44
N VAL A 431 21.18 -19.73 9.35
CA VAL A 431 21.89 -18.51 9.05
C VAL A 431 23.31 -18.60 9.62
N ALA A 432 24.31 -18.55 8.72
CA ALA A 432 25.72 -18.53 9.12
C ALA A 432 26.26 -17.12 8.87
N SER A 433 26.63 -16.45 9.95
CA SER A 433 27.16 -15.12 9.86
C SER A 433 27.99 -14.87 11.08
N PRO A 434 29.03 -14.07 10.96
CA PRO A 434 29.78 -13.66 12.16
C PRO A 434 29.05 -12.63 13.04
N SER A 435 28.00 -11.96 12.55
CA SER A 435 27.38 -10.85 13.27
C SER A 435 26.02 -10.50 12.72
N GLY A 436 25.04 -10.32 13.59
CA GLY A 436 23.77 -9.80 13.13
C GLY A 436 23.38 -8.65 14.01
N THR A 437 22.67 -7.69 13.44
CA THR A 437 22.14 -6.57 14.16
C THR A 437 20.63 -6.56 14.09
N VAL A 438 20.02 -5.90 15.06
CA VAL A 438 18.59 -5.79 15.14
C VAL A 438 18.18 -4.37 15.22
N LEU A 439 17.15 -4.02 14.41
CA LEU A 439 16.44 -2.76 14.55
C LEU A 439 15.05 -3.08 15.03
N ARG A 440 14.63 -2.47 16.14
CA ARG A 440 13.33 -2.79 16.75
C ARG A 440 12.26 -1.78 16.38
N LEU A 441 11.05 -2.32 16.15
CA LEU A 441 9.86 -1.54 15.83
C LEU A 441 9.01 -1.64 17.11
N GLU A 442 8.80 -0.50 17.77
CA GLU A 442 8.31 -0.51 19.16
C GLU A 442 7.39 0.64 19.48
N ALA A 443 6.46 0.36 20.41
CA ALA A 443 5.70 1.37 21.10
C ALA A 443 5.34 0.78 22.45
N PRO A 444 4.99 1.62 23.45
CA PRO A 444 4.79 1.06 24.78
C PRO A 444 3.50 0.28 24.92
N ARG A 445 2.56 0.49 24.00
CA ARG A 445 1.26 -0.15 24.04
C ARG A 445 0.84 -0.37 22.61
N ALA A 446 0.12 -1.45 22.36
CA ALA A 446 -0.40 -1.72 21.04
C ALA A 446 -1.34 -0.66 20.53
N ASP A 447 -2.09 -0.02 21.39
CA ASP A 447 -3.02 0.99 21.05
C ASP A 447 -2.46 2.40 21.07
N ASP A 448 -1.14 2.55 21.19
CA ASP A 448 -0.63 3.90 21.25
C ASP A 448 -0.78 4.59 19.90
N THR A 449 -1.15 5.86 19.96
CA THR A 449 -1.29 6.70 18.77
C THR A 449 -0.02 7.47 18.45
N THR A 450 0.96 7.35 19.33
CA THR A 450 2.23 8.04 19.23
C THR A 450 3.28 7.15 19.90
N ASP A 451 4.46 7.71 20.17
CA ASP A 451 5.52 6.98 20.86
C ASP A 451 6.08 5.79 20.08
N VAL A 452 5.93 5.85 18.74
CA VAL A 452 6.39 4.78 17.89
C VAL A 452 7.82 5.10 17.43
N THR A 453 8.70 4.10 17.55
CA THR A 453 10.06 4.26 17.09
C THR A 453 10.50 3.05 16.28
N PHE A 454 11.49 3.28 15.43
CA PHE A 454 12.13 2.18 14.70
C PHE A 454 13.64 2.39 14.82
N GLY A 455 14.37 1.38 15.26
CA GLY A 455 15.79 1.57 15.47
C GLY A 455 16.12 2.57 16.55
N GLY A 456 15.20 2.71 17.50
CA GLY A 456 15.45 3.63 18.59
C GLY A 456 15.24 5.10 18.28
N ALA A 457 14.54 5.40 17.16
CA ALA A 457 14.32 6.79 16.78
C ALA A 457 12.98 6.99 16.15
N PRO A 458 12.35 8.13 16.40
CA PRO A 458 11.20 8.52 15.58
C PRO A 458 11.70 8.98 14.19
N VAL A 459 10.75 9.03 13.25
CA VAL A 459 10.95 9.70 11.97
C VAL A 459 10.77 11.19 12.28
N GLY A 460 11.62 12.01 11.71
CA GLY A 460 11.56 13.43 11.90
C GLY A 460 10.87 14.18 10.78
N ALA A 461 11.21 15.42 10.62
CA ALA A 461 10.61 16.24 9.58
C ALA A 461 11.03 15.74 8.21
N SER A 462 10.09 15.85 7.26
CA SER A 462 10.38 15.53 5.86
C SER A 462 10.89 14.13 5.66
N GLY A 463 10.44 13.21 6.48
CA GLY A 463 10.83 11.81 6.34
C GLY A 463 12.22 11.45 6.85
N SER A 464 12.90 12.37 7.53
CA SER A 464 14.26 12.07 7.96
CA SER A 464 14.26 12.11 8.00
C SER A 464 14.25 10.96 9.02
N TRP A 465 15.11 10.00 8.84
CA TRP A 465 15.22 8.87 9.79
C TRP A 465 16.56 8.26 9.71
N SER A 466 17.13 7.99 10.87
CA SER A 466 18.36 7.17 10.97
C SER A 466 18.32 6.44 12.33
N PRO A 467 18.83 5.24 12.38
CA PRO A 467 18.81 4.48 13.64
C PRO A 467 19.72 5.07 14.71
N LEU A 468 19.24 5.06 15.94
CA LEU A 468 20.03 5.55 17.06
C LEU A 468 20.35 4.47 18.08
N VAL A 469 19.76 3.30 18.02
CA VAL A 469 20.09 2.26 18.97
C VAL A 469 20.63 1.09 18.22
N GLN A 470 21.85 0.63 18.61
CA GLN A 470 22.59 -0.49 18.01
C GLN A 470 22.40 -1.70 18.91
N GLU A 471 21.88 -2.80 18.39
CA GLU A 471 21.90 -4.04 19.18
C GLU A 471 22.37 -5.23 18.32
N TYR A 472 23.28 -6.03 18.81
CA TYR A 472 23.71 -7.27 18.21
C TYR A 472 22.76 -8.37 18.60
N VAL A 473 22.55 -9.31 17.68
CA VAL A 473 21.71 -10.48 17.92
C VAL A 473 22.61 -11.44 18.67
N PRO A 474 22.21 -11.86 19.89
CA PRO A 474 22.90 -12.91 20.63
C PRO A 474 23.05 -14.23 19.91
N GLY A 475 24.10 -14.94 20.27
CA GLY A 475 24.34 -16.26 19.78
C GLY A 475 25.38 -16.16 18.72
N HIS A 476 25.52 -17.22 17.98
CA HIS A 476 26.52 -17.29 16.97
C HIS A 476 25.96 -17.99 15.75
N SER A 477 26.79 -18.02 14.74
CA SER A 477 26.59 -18.74 13.51
C SER A 477 25.81 -20.07 13.65
N GLY A 478 24.62 -20.12 13.05
CA GLY A 478 23.81 -21.33 13.04
C GLY A 478 22.88 -21.44 14.23
N GLN A 479 23.09 -20.61 15.26
CA GLN A 479 22.25 -20.60 16.47
C GLN A 479 22.27 -19.16 17.04
N PHE A 480 21.41 -18.29 16.51
CA PHE A 480 21.20 -16.97 17.03
C PHE A 480 19.95 -17.03 17.88
N VAL A 481 19.84 -16.16 18.89
CA VAL A 481 18.67 -16.13 19.73
C VAL A 481 18.18 -14.69 19.90
N LEU A 482 16.94 -14.46 19.47
CA LEU A 482 16.34 -13.14 19.56
C LEU A 482 15.16 -13.10 20.49
N HIS A 483 15.20 -12.22 21.48
CA HIS A 483 14.01 -11.92 22.27
C HIS A 483 13.17 -10.86 21.60
N MET A 484 11.85 -10.98 21.71
CA MET A 484 10.96 -9.89 21.27
C MET A 484 9.87 -9.77 22.30
N ARG A 485 9.62 -8.55 22.73
CA ARG A 485 8.49 -8.34 23.59
C ARG A 485 7.16 -8.49 22.85
N LYS A 486 6.08 -8.77 23.56
CA LYS A 486 4.72 -8.75 23.01
C LYS A 486 4.52 -7.50 22.17
N ALA A 487 3.75 -7.64 21.09
CA ALA A 487 3.35 -6.50 20.28
C ALA A 487 4.55 -5.66 19.88
N SER A 488 5.45 -6.26 19.11
CA SER A 488 6.65 -5.56 18.61
C SER A 488 7.07 -6.18 17.28
N GLY A 489 7.99 -5.49 16.63
CA GLY A 489 8.58 -5.99 15.40
C GLY A 489 10.08 -5.86 15.41
N ALA A 490 10.76 -6.52 14.48
CA ALA A 490 12.21 -6.46 14.45
C ALA A 490 12.70 -6.71 13.02
N LEU A 491 13.78 -6.04 12.66
CA LEU A 491 14.47 -6.30 11.37
C LEU A 491 15.91 -6.69 11.74
N LEU A 492 16.27 -7.91 11.38
CA LEU A 492 17.61 -8.44 11.56
C LEU A 492 18.38 -8.37 10.28
N GLU A 493 19.64 -7.96 10.32
CA GLU A 493 20.54 -7.86 9.15
C GLU A 493 21.80 -8.62 9.53
N PHE A 494 22.20 -9.60 8.74
CA PHE A 494 23.39 -10.39 9.03
C PHE A 494 24.53 -9.95 8.11
N ALA A 495 25.73 -9.80 8.67
CA ALA A 495 26.93 -9.45 7.90
C ALA A 495 27.31 -10.57 6.93
P PO4 B . 9.74 -13.89 -9.13
O1 PO4 B . 10.08 -13.15 -10.38
O2 PO4 B . 8.48 -14.69 -9.29
O3 PO4 B . 9.50 -12.92 -8.01
O4 PO4 B . 10.90 -14.84 -8.80
P PO4 C . -15.08 9.87 11.97
O1 PO4 C . -15.85 10.78 11.03
O2 PO4 C . -14.73 8.66 11.17
O3 PO4 C . -13.83 10.55 12.48
O4 PO4 C . -15.93 9.51 13.17
P PO4 D . -19.17 17.87 -20.16
O1 PO4 D . -19.05 18.02 -21.64
O2 PO4 D . -20.23 18.85 -19.68
O3 PO4 D . -17.84 18.14 -19.47
O4 PO4 D . -19.57 16.45 -19.85
P PO4 E . 12.64 -6.34 23.34
O1 PO4 E . 11.45 -6.58 22.37
O2 PO4 E . 12.20 -5.85 24.69
O3 PO4 E . 13.52 -5.26 22.74
O4 PO4 E . 13.48 -7.57 23.58
P PO4 F . -9.49 13.85 7.21
O1 PO4 F . -10.73 14.35 6.64
O2 PO4 F . -9.29 12.55 6.51
O3 PO4 F . -8.28 14.61 6.80
O4 PO4 F . -9.37 13.54 8.67
O7 GUX G . -13.78 3.71 3.18
C6 GUX G . -12.56 3.92 2.99
O6 GUX G . -11.76 4.16 3.95
C5 GUX G . -12.02 3.86 1.58
C GUX G . -12.42 2.58 0.91
N1 GUX G . -13.85 2.47 0.46
C1 GUX G . -12.79 2.61 -0.55
C2 GUX G . -12.72 3.89 -1.34
O GUX G . -12.16 3.67 -2.63
C3 GUX G . -11.96 5.01 -0.61
O3 GUX G . -12.28 6.22 -1.32
C4 GUX G . -12.44 5.12 0.83
O4 GUX G . -11.71 6.23 1.37
C7 GUX G . -14.37 1.09 0.50
C8 GUX G . -15.28 0.73 1.62
C9 GUX G . -16.27 -0.39 1.27
C16 GUX G . -15.55 -1.67 0.82
C17 GUX G . -16.27 -3.03 1.01
C18 GUX G . -17.62 -3.08 1.72
C19 GUX G . -18.80 -3.08 0.76
C21 GUX G . -19.87 -4.05 1.25
N22 GUX G . -19.86 -5.13 0.30
N25 GUX G . -19.70 -6.22 0.69
N26 GUX G . -19.53 -7.30 1.07
CL CL H . 3.33 -18.79 -5.57
C1 GOL I . -18.85 13.22 6.53
O1 GOL I . -18.96 11.89 6.06
C2 GOL I . -17.51 13.67 6.03
O2 GOL I . -17.23 13.05 4.79
C3 GOL I . -17.39 15.13 5.72
O3 GOL I . -16.10 15.22 5.11
#